data_8UZT
#
_entry.id   8UZT
#
_cell.length_a   135.201
_cell.length_b   135.201
_cell.length_c   78.081
_cell.angle_alpha   90.000
_cell.angle_beta   90.000
_cell.angle_gamma   90.000
#
_symmetry.space_group_name_H-M   'P 43 2 2'
#
loop_
_entity.id
_entity.type
_entity.pdbx_description
1 polymer 'Single-stranded DNA-binding protein, mitochondrial'
2 polymer dTDNA
3 non-polymer GLYCEROL
4 non-polymer 'SODIUM ION'
5 water water
#
loop_
_entity_poly.entity_id
_entity_poly.type
_entity_poly.pdbx_seq_one_letter_code
_entity_poly.pdbx_strand_id
1 'polypeptide(L)'
;MGSSHHHHHHSSGENLYFQGSMESETTTSLVLERSLNRVHLLGRVGQDPVLRQVEGKNPVTIFSLATNEMWRSGDSEVYQ
LGDVSQKTTWHRISVFRPGLRDVAYQYVKKGSRIYLEGKIDYGEYMDKNNVRRQATTIIADNIIFLSDQTKEKE
;
B,A,C,D
2 'polydeoxyribonucleotide' (DT)(DT)(DT)(DT)(DT)(DT)(DT)(DT)(DT)(DT)(DT)(DT)(DT)(DT)(DT)(DT)(DT)(DT)(DT)(DT) G
#
# COMPACT_ATOMS: atom_id res chain seq x y z
N LEU A 32 6.85 -2.66 5.18
CA LEU A 32 7.07 -1.26 4.81
C LEU A 32 7.75 -1.22 3.42
N GLU A 33 9.09 -1.16 3.37
CA GLU A 33 9.79 -1.09 2.10
C GLU A 33 9.62 -2.40 1.33
N ARG A 34 9.41 -2.29 0.02
CA ARG A 34 9.16 -3.43 -0.83
C ARG A 34 10.45 -3.95 -1.48
N SER A 35 10.47 -5.26 -1.72
CA SER A 35 11.56 -5.93 -2.42
C SER A 35 10.95 -6.72 -3.57
N LEU A 36 11.81 -7.19 -4.48
CA LEU A 36 11.42 -8.08 -5.55
C LEU A 36 12.32 -9.31 -5.55
N ASN A 37 11.72 -10.47 -5.80
CA ASN A 37 12.46 -11.72 -5.93
C ASN A 37 11.66 -12.58 -6.90
N ARG A 38 12.00 -12.48 -8.20
CA ARG A 38 11.24 -13.15 -9.24
C ARG A 38 12.17 -13.84 -10.23
N VAL A 39 11.76 -15.04 -10.64
CA VAL A 39 12.49 -15.89 -11.57
C VAL A 39 11.54 -16.26 -12.69
N HIS A 40 12.05 -16.29 -13.91
CA HIS A 40 11.35 -16.81 -15.09
C HIS A 40 12.21 -17.91 -15.69
N LEU A 41 11.66 -19.12 -15.79
CA LEU A 41 12.35 -20.25 -16.39
C LEU A 41 11.53 -20.81 -17.54
N LEU A 42 12.22 -21.35 -18.54
CA LEU A 42 11.58 -22.08 -19.63
C LEU A 42 12.51 -23.22 -20.02
N GLY A 43 12.03 -24.46 -19.91
CA GLY A 43 12.90 -25.60 -20.10
C GLY A 43 12.12 -26.88 -20.02
N ARG A 44 12.85 -28.00 -19.83
CA ARG A 44 12.30 -29.34 -19.90
C ARG A 44 12.31 -30.00 -18.52
N VAL A 45 11.21 -30.67 -18.21
CA VAL A 45 11.05 -31.33 -16.92
C VAL A 45 11.82 -32.65 -16.93
N GLY A 46 12.55 -32.91 -15.84
CA GLY A 46 13.43 -34.05 -15.79
C GLY A 46 12.78 -35.37 -15.43
N GLN A 47 11.84 -35.33 -14.49
CA GLN A 47 11.17 -36.53 -14.00
C GLN A 47 9.74 -36.16 -13.62
N ASP A 48 8.91 -37.19 -13.47
CA ASP A 48 7.54 -36.96 -13.01
C ASP A 48 7.57 -36.30 -11.64
N PRO A 49 6.64 -35.38 -11.34
CA PRO A 49 6.67 -34.74 -10.03
C PRO A 49 6.27 -35.70 -8.94
N VAL A 50 6.61 -35.32 -7.70
CA VAL A 50 6.30 -36.10 -6.51
C VAL A 50 5.75 -35.18 -5.44
N LEU A 51 5.03 -35.77 -4.49
CA LEU A 51 4.42 -35.05 -3.38
C LEU A 51 5.22 -35.29 -2.09
N ARG A 52 5.57 -34.21 -1.42
CA ARG A 52 6.37 -34.27 -0.20
C ARG A 52 5.81 -33.30 0.84
N GLN A 53 6.27 -33.46 2.08
CA GLN A 53 6.20 -32.43 3.11
C GLN A 53 7.52 -31.67 3.10
N VAL A 54 7.44 -30.33 3.04
CA VAL A 54 8.62 -29.46 3.00
C VAL A 54 8.34 -28.24 3.87
N GLU A 55 9.27 -27.94 4.78
CA GLU A 55 9.17 -26.75 5.63
C GLU A 55 7.94 -26.81 6.53
N GLY A 56 7.59 -28.01 7.01
CA GLY A 56 6.42 -28.21 7.83
C GLY A 56 5.09 -28.09 7.11
N LYS A 57 5.11 -27.85 5.79
CA LYS A 57 3.91 -27.73 4.98
C LYS A 57 3.77 -28.96 4.08
N ASN A 58 2.53 -29.33 3.78
CA ASN A 58 2.32 -30.43 2.85
C ASN A 58 0.88 -30.36 2.34
N PRO A 59 0.62 -30.92 1.15
CA PRO A 59 1.59 -31.51 0.22
C PRO A 59 2.33 -30.39 -0.52
N VAL A 60 3.55 -30.68 -0.95
CA VAL A 60 4.31 -29.81 -1.82
C VAL A 60 4.70 -30.65 -3.02
N THR A 61 4.44 -30.13 -4.21
CA THR A 61 4.76 -30.83 -5.44
C THR A 61 6.16 -30.42 -5.87
N ILE A 62 7.03 -31.41 -6.07
CA ILE A 62 8.44 -31.17 -6.39
C ILE A 62 8.74 -31.77 -7.76
N PHE A 63 9.47 -31.03 -8.59
CA PHE A 63 10.03 -31.61 -9.81
C PHE A 63 11.26 -30.83 -10.21
N SER A 64 11.95 -31.32 -11.24
CA SER A 64 13.18 -30.75 -11.74
CA SER A 64 13.18 -30.73 -11.73
C SER A 64 12.97 -30.18 -13.13
N LEU A 65 13.67 -29.08 -13.42
CA LEU A 65 13.61 -28.40 -14.70
C LEU A 65 15.02 -28.07 -15.17
N ALA A 66 15.32 -28.45 -16.40
CA ALA A 66 16.61 -28.16 -17.04
C ALA A 66 16.49 -26.97 -17.98
N THR A 67 17.39 -26.00 -17.82
CA THR A 67 17.55 -24.91 -18.78
C THR A 67 18.97 -24.97 -19.34
N ASN A 68 19.09 -24.75 -20.65
CA ASN A 68 20.34 -24.95 -21.38
C ASN A 68 20.85 -23.62 -21.95
N GLU A 69 22.17 -23.51 -21.99
CA GLU A 69 22.89 -22.43 -22.65
C GLU A 69 23.86 -23.02 -23.66
N MET A 70 23.98 -22.39 -24.83
CA MET A 70 24.94 -22.79 -25.84
C MET A 70 26.29 -22.15 -25.54
N TRP A 71 27.37 -22.92 -25.72
CA TRP A 71 28.71 -22.44 -25.52
C TRP A 71 29.63 -23.05 -26.57
N ARG A 72 30.69 -22.32 -26.92
CA ARG A 72 31.71 -22.81 -27.84
C ARG A 72 33.07 -22.31 -27.39
N SER A 73 34.11 -22.94 -27.95
CA SER A 73 35.55 -22.57 -27.90
C SER A 73 36.36 -23.79 -27.46
N VAL A 84 30.64 -26.25 -30.55
CA VAL A 84 29.41 -26.00 -29.81
C VAL A 84 29.21 -27.06 -28.72
N SER A 85 28.39 -26.75 -27.73
CA SER A 85 28.08 -27.63 -26.61
C SER A 85 27.12 -26.91 -25.69
N GLN A 86 26.39 -27.68 -24.89
CA GLN A 86 25.32 -27.14 -24.04
C GLN A 86 25.67 -27.32 -22.57
N LYS A 87 25.54 -26.23 -21.82
CA LYS A 87 25.61 -26.27 -20.36
C LYS A 87 24.19 -26.35 -19.83
N THR A 88 23.89 -27.44 -19.11
CA THR A 88 22.57 -27.64 -18.54
C THR A 88 22.58 -27.19 -17.09
N THR A 89 21.62 -26.35 -16.73
CA THR A 89 21.40 -25.92 -15.37
C THR A 89 20.12 -26.60 -14.88
N TRP A 90 20.23 -27.36 -13.79
CA TRP A 90 19.11 -28.08 -13.21
C TRP A 90 18.55 -27.29 -12.03
N HIS A 91 17.25 -26.98 -12.10
CA HIS A 91 16.54 -26.28 -11.05
C HIS A 91 15.59 -27.23 -10.32
N ARG A 92 15.55 -27.12 -8.99
CA ARG A 92 14.56 -27.82 -8.18
C ARG A 92 13.34 -26.92 -8.01
N ILE A 93 12.20 -27.36 -8.52
CA ILE A 93 10.96 -26.59 -8.48
C ILE A 93 10.10 -27.13 -7.34
N SER A 94 9.61 -26.23 -6.50
CA SER A 94 8.65 -26.53 -5.43
C SER A 94 7.36 -25.77 -5.68
N VAL A 95 6.21 -26.43 -5.53
CA VAL A 95 4.91 -25.76 -5.64
C VAL A 95 4.22 -25.96 -4.30
N PHE A 96 4.22 -24.90 -3.49
CA PHE A 96 3.49 -24.90 -2.23
C PHE A 96 2.05 -24.42 -2.39
N ARG A 97 1.74 -23.63 -3.42
CA ARG A 97 0.48 -22.92 -3.48
C ARG A 97 -0.68 -23.90 -3.63
N PRO A 98 -1.74 -23.78 -2.82
CA PRO A 98 -2.92 -24.65 -3.03
C PRO A 98 -3.49 -24.49 -4.43
N GLY A 99 -3.98 -25.60 -4.98
CA GLY A 99 -4.52 -25.59 -6.33
C GLY A 99 -3.42 -25.75 -7.36
N LEU A 100 -2.53 -24.77 -7.46
CA LEU A 100 -1.42 -24.89 -8.41
C LEU A 100 -0.60 -26.15 -8.14
N ARG A 101 -0.44 -26.51 -6.86
CA ARG A 101 0.29 -27.74 -6.56
C ARG A 101 -0.45 -28.97 -7.11
N ASP A 102 -1.79 -28.94 -7.12
CA ASP A 102 -2.57 -30.00 -7.77
C ASP A 102 -2.30 -30.01 -9.26
N VAL A 103 -2.36 -28.84 -9.90
CA VAL A 103 -2.11 -28.72 -11.33
C VAL A 103 -0.74 -29.29 -11.69
N ALA A 104 0.29 -28.91 -10.94
CA ALA A 104 1.63 -29.40 -11.21
C ALA A 104 1.70 -30.92 -11.09
N TYR A 105 1.10 -31.48 -10.04
CA TYR A 105 1.17 -32.92 -9.85
C TYR A 105 0.42 -33.67 -10.95
N GLN A 106 -0.69 -33.11 -11.43
CA GLN A 106 -1.53 -33.83 -12.40
C GLN A 106 -0.99 -33.72 -13.83
N TYR A 107 -0.48 -32.55 -14.21
CA TYR A 107 -0.21 -32.25 -15.62
C TYR A 107 1.27 -32.14 -15.98
N VAL A 108 2.16 -31.84 -15.04
CA VAL A 108 3.58 -31.80 -15.35
C VAL A 108 4.08 -33.23 -15.45
N LYS A 109 4.79 -33.54 -16.53
CA LYS A 109 5.30 -34.89 -16.78
C LYS A 109 6.78 -34.81 -17.17
N LYS A 110 7.47 -35.93 -16.98
CA LYS A 110 8.81 -36.10 -17.51
C LYS A 110 8.87 -35.69 -18.97
N GLY A 111 9.82 -34.82 -19.29
CA GLY A 111 10.01 -34.38 -20.65
C GLY A 111 9.07 -33.29 -21.11
N SER A 112 8.13 -32.87 -20.27
CA SER A 112 7.30 -31.72 -20.60
C SER A 112 8.17 -30.46 -20.73
N ARG A 113 7.82 -29.62 -21.70
CA ARG A 113 8.38 -28.29 -21.82
C ARG A 113 7.39 -27.31 -21.19
N ILE A 114 7.88 -26.48 -20.27
CA ILE A 114 7.03 -25.54 -19.57
C ILE A 114 7.77 -24.22 -19.40
N TYR A 115 6.98 -23.17 -19.27
CA TYR A 115 7.42 -21.87 -18.76
C TYR A 115 6.91 -21.76 -17.34
N LEU A 116 7.73 -21.22 -16.44
CA LEU A 116 7.23 -20.97 -15.10
C LEU A 116 7.84 -19.71 -14.52
N GLU A 117 7.14 -19.18 -13.51
CA GLU A 117 7.59 -18.03 -12.74
C GLU A 117 7.52 -18.36 -11.27
N GLY A 118 8.36 -17.72 -10.49
CA GLY A 118 8.34 -17.91 -9.07
C GLY A 118 9.38 -17.08 -8.37
N LYS A 119 9.75 -17.50 -7.17
CA LYS A 119 10.73 -16.82 -6.34
C LYS A 119 11.82 -17.80 -5.93
N ILE A 120 13.01 -17.28 -5.61
CA ILE A 120 14.14 -18.09 -5.15
C ILE A 120 14.06 -18.23 -3.65
N ASP A 121 14.26 -19.46 -3.18
CA ASP A 121 14.42 -19.77 -1.76
C ASP A 121 15.62 -20.68 -1.66
N TYR A 122 16.57 -20.34 -0.79
CA TYR A 122 17.83 -21.05 -0.74
C TYR A 122 17.78 -22.28 0.16
N GLY A 123 16.65 -22.51 0.84
CA GLY A 123 16.40 -23.76 1.56
C GLY A 123 17.51 -24.14 2.49
N GLU A 124 17.94 -23.20 3.32
CA GLU A 124 19.17 -23.37 4.08
C GLU A 124 18.90 -24.11 5.37
N TYR A 125 19.92 -24.84 5.83
CA TYR A 125 19.80 -25.68 7.02
C TYR A 125 21.16 -25.96 7.64
N ARG A 133 24.03 -25.49 5.15
CA ARG A 133 24.10 -25.84 3.73
C ARG A 133 22.92 -25.24 2.97
N GLN A 134 22.91 -25.39 1.64
CA GLN A 134 21.87 -24.86 0.78
C GLN A 134 21.16 -25.98 0.04
N ALA A 135 19.86 -25.77 -0.19
CA ALA A 135 19.06 -26.62 -1.06
C ALA A 135 18.15 -25.69 -1.90
N THR A 136 18.77 -24.97 -2.83
CA THR A 136 18.07 -23.92 -3.56
C THR A 136 16.89 -24.47 -4.36
N THR A 137 15.76 -23.80 -4.25
CA THR A 137 14.57 -24.18 -4.99
C THR A 137 13.87 -22.95 -5.51
N ILE A 138 13.21 -23.10 -6.66
CA ILE A 138 12.35 -22.07 -7.22
C ILE A 138 10.92 -22.41 -6.80
N ILE A 139 10.29 -21.52 -6.04
CA ILE A 139 8.92 -21.70 -5.57
C ILE A 139 8.00 -21.08 -6.61
N ALA A 140 7.33 -21.92 -7.38
CA ALA A 140 6.59 -21.51 -8.57
C ALA A 140 5.18 -21.07 -8.23
N ASP A 141 4.73 -19.96 -8.84
CA ASP A 141 3.35 -19.52 -8.72
C ASP A 141 2.65 -19.34 -10.06
N ASN A 142 3.30 -19.72 -11.16
CA ASN A 142 2.71 -19.60 -12.48
C ASN A 142 3.37 -20.63 -13.39
N ILE A 143 2.55 -21.39 -14.11
CA ILE A 143 3.04 -22.47 -14.96
C ILE A 143 2.25 -22.45 -16.26
N ILE A 144 2.97 -22.39 -17.39
CA ILE A 144 2.37 -22.44 -18.72
C ILE A 144 2.90 -23.68 -19.44
N PHE A 145 1.99 -24.56 -19.85
CA PHE A 145 2.36 -25.76 -20.58
C PHE A 145 2.64 -25.44 -22.05
N LEU A 146 3.71 -26.00 -22.59
CA LEU A 146 4.16 -25.72 -23.95
C LEU A 146 4.10 -26.93 -24.86
N SER A 147 4.59 -28.08 -24.41
CA SER A 147 4.47 -29.32 -25.18
C SER A 147 4.91 -30.46 -24.27
N ASP A 148 4.45 -31.66 -24.60
CA ASP A 148 4.72 -32.86 -23.81
C ASP A 148 5.37 -33.92 -24.69
N LEU B 32 18.51 -26.30 -32.24
CA LEU B 32 18.14 -26.75 -30.90
C LEU B 32 17.15 -25.78 -30.28
N GLU B 33 16.25 -26.30 -29.46
CA GLU B 33 15.28 -25.43 -28.79
C GLU B 33 15.98 -24.62 -27.70
N ARG B 34 15.49 -23.42 -27.48
CA ARG B 34 16.05 -22.48 -26.53
C ARG B 34 15.34 -22.57 -25.19
N SER B 35 16.04 -22.11 -24.16
CA SER B 35 15.57 -22.11 -22.78
C SER B 35 15.66 -20.69 -22.25
N LEU B 36 15.13 -20.50 -21.06
CA LEU B 36 15.12 -19.22 -20.39
C LEU B 36 15.55 -19.42 -18.94
N ASN B 37 16.43 -18.55 -18.46
CA ASN B 37 16.93 -18.57 -17.08
C ASN B 37 17.22 -17.11 -16.72
N ARG B 38 16.21 -16.42 -16.18
CA ARG B 38 16.32 -15.01 -15.86
C ARG B 38 15.74 -14.73 -14.49
N VAL B 39 16.39 -13.84 -13.76
CA VAL B 39 15.97 -13.42 -12.43
C VAL B 39 16.02 -11.90 -12.37
N HIS B 40 15.07 -11.32 -11.64
CA HIS B 40 15.05 -9.89 -11.31
CA HIS B 40 15.20 -9.92 -11.28
C HIS B 40 14.95 -9.76 -9.79
N LEU B 41 15.80 -8.93 -9.18
CA LEU B 41 15.81 -8.70 -7.75
C LEU B 41 15.77 -7.22 -7.49
N LEU B 42 15.14 -6.86 -6.36
CA LEU B 42 15.15 -5.50 -5.86
C LEU B 42 15.28 -5.58 -4.36
N GLY B 43 16.35 -5.01 -3.81
CA GLY B 43 16.59 -5.13 -2.39
C GLY B 43 17.76 -4.30 -1.92
N ARG B 44 18.29 -4.70 -0.76
CA ARG B 44 19.29 -3.92 -0.03
C ARG B 44 20.59 -4.69 0.09
N VAL B 45 21.71 -3.99 -0.11
CA VAL B 45 23.03 -4.61 -0.09
C VAL B 45 23.50 -4.78 1.35
N GLY B 46 24.05 -5.96 1.65
CA GLY B 46 24.39 -6.31 3.01
C GLY B 46 25.77 -5.87 3.45
N GLN B 47 26.72 -5.82 2.52
CA GLN B 47 28.08 -5.43 2.84
C GLN B 47 28.70 -4.74 1.63
N ASP B 48 29.79 -4.03 1.88
CA ASP B 48 30.53 -3.41 0.79
C ASP B 48 30.96 -4.47 -0.21
N PRO B 49 30.94 -4.19 -1.51
CA PRO B 49 31.36 -5.20 -2.48
C PRO B 49 32.85 -5.45 -2.38
N VAL B 50 33.24 -6.62 -2.90
CA VAL B 50 34.64 -7.00 -2.98
C VAL B 50 34.94 -7.37 -4.43
N LEU B 51 36.15 -7.03 -4.87
CA LEU B 51 36.62 -7.38 -6.20
C LEU B 51 37.60 -8.54 -6.06
N ARG B 52 37.17 -9.73 -6.48
CA ARG B 52 37.99 -10.94 -6.40
C ARG B 52 38.76 -11.13 -7.71
N GLN B 53 40.08 -11.38 -7.59
CA GLN B 53 40.94 -11.64 -8.73
C GLN B 53 41.68 -12.95 -8.47
N VAL B 54 41.26 -14.02 -9.14
CA VAL B 54 41.90 -15.32 -9.04
C VAL B 54 42.83 -15.48 -10.24
N GLU B 55 44.09 -15.86 -9.96
CA GLU B 55 45.16 -15.96 -10.94
C GLU B 55 44.73 -16.64 -12.23
N GLY B 56 43.87 -17.66 -12.13
CA GLY B 56 43.43 -18.35 -13.32
C GLY B 56 42.32 -17.64 -14.08
N LYS B 57 41.50 -16.84 -13.40
CA LYS B 57 40.19 -16.46 -13.90
C LYS B 57 39.99 -14.95 -13.91
N ASN B 58 38.90 -14.56 -14.58
CA ASN B 58 38.57 -13.15 -14.74
C ASN B 58 38.21 -12.52 -13.40
N PRO B 59 38.38 -11.21 -13.25
CA PRO B 59 37.93 -10.57 -12.02
C PRO B 59 36.41 -10.59 -11.93
N VAL B 60 35.92 -10.54 -10.69
CA VAL B 60 34.49 -10.60 -10.43
C VAL B 60 34.21 -9.74 -9.20
N THR B 61 33.16 -8.94 -9.28
CA THR B 61 32.67 -8.16 -8.14
C THR B 61 31.58 -8.96 -7.45
N ILE B 62 31.70 -9.11 -6.13
CA ILE B 62 30.83 -9.96 -5.33
C ILE B 62 30.21 -9.12 -4.23
N PHE B 63 28.91 -9.30 -4.02
CA PHE B 63 28.24 -8.71 -2.87
C PHE B 63 26.97 -9.50 -2.58
N SER B 64 26.35 -9.19 -1.44
CA SER B 64 25.15 -9.85 -0.99
C SER B 64 23.98 -8.88 -1.05
N LEU B 65 22.80 -9.42 -1.35
CA LEU B 65 21.58 -8.64 -1.49
C LEU B 65 20.46 -9.31 -0.69
N ALA B 66 19.81 -8.55 0.18
CA ALA B 66 18.65 -9.00 0.92
C ALA B 66 17.38 -8.55 0.23
N THR B 67 16.46 -9.48 0.03
CA THR B 67 15.08 -9.14 -0.35
C THR B 67 14.20 -9.48 0.85
N ASN B 68 13.54 -8.46 1.39
CA ASN B 68 12.80 -8.57 2.64
C ASN B 68 11.31 -8.57 2.31
N GLU B 69 10.62 -9.62 2.73
CA GLU B 69 9.16 -9.64 2.76
C GLU B 69 8.70 -9.14 4.12
N MET B 70 7.78 -8.17 4.12
CA MET B 70 7.31 -7.55 5.34
C MET B 70 5.83 -7.22 5.24
N GLN B 86 8.96 -10.20 9.43
CA GLN B 86 10.02 -10.07 8.44
C GLN B 86 10.61 -11.42 8.06
N LYS B 87 10.58 -11.72 6.76
CA LYS B 87 11.29 -12.88 6.19
C LYS B 87 12.30 -12.35 5.19
N THR B 88 13.59 -12.55 5.49
CA THR B 88 14.67 -12.05 4.65
C THR B 88 15.28 -13.20 3.86
N THR B 89 15.52 -12.95 2.58
CA THR B 89 16.20 -13.88 1.69
C THR B 89 17.51 -13.24 1.24
N TRP B 90 18.62 -13.93 1.46
CA TRP B 90 19.95 -13.39 1.19
C TRP B 90 20.50 -14.02 -0.09
N HIS B 91 20.80 -13.18 -1.08
CA HIS B 91 21.29 -13.61 -2.38
C HIS B 91 22.76 -13.26 -2.53
N ARG B 92 23.52 -14.14 -3.16
CA ARG B 92 24.92 -13.90 -3.49
C ARG B 92 24.99 -13.41 -4.94
N ILE B 93 25.46 -12.18 -5.15
CA ILE B 93 25.53 -11.56 -6.48
C ILE B 93 26.96 -11.62 -6.98
N SER B 94 27.13 -12.03 -8.25
CA SER B 94 28.40 -11.97 -8.95
C SER B 94 28.26 -11.10 -10.21
N VAL B 95 29.25 -10.25 -10.45
CA VAL B 95 29.28 -9.39 -11.64
C VAL B 95 30.58 -9.68 -12.36
N PHE B 96 30.49 -10.38 -13.48
CA PHE B 96 31.61 -10.72 -14.34
C PHE B 96 31.77 -9.77 -15.51
N ARG B 97 30.67 -9.21 -15.99
CA ARG B 97 30.67 -8.43 -17.21
C ARG B 97 31.63 -7.25 -17.09
N PRO B 98 32.55 -7.05 -18.02
CA PRO B 98 33.45 -5.90 -17.88
C PRO B 98 32.66 -4.61 -17.98
N GLY B 99 33.06 -3.63 -17.18
CA GLY B 99 32.37 -2.37 -17.15
C GLY B 99 31.38 -2.33 -16.02
N LEU B 100 30.37 -3.20 -16.08
CA LEU B 100 29.43 -3.29 -14.98
C LEU B 100 30.12 -3.76 -13.72
N ARG B 101 31.09 -4.66 -13.86
CA ARG B 101 31.85 -5.14 -12.72
C ARG B 101 32.53 -3.98 -11.99
N ASP B 102 33.09 -3.02 -12.73
CA ASP B 102 33.79 -1.90 -12.11
C ASP B 102 32.81 -0.87 -11.57
N VAL B 103 31.71 -0.64 -12.29
CA VAL B 103 30.66 0.24 -11.77
C VAL B 103 30.11 -0.31 -10.47
N ALA B 104 29.85 -1.62 -10.42
CA ALA B 104 29.36 -2.22 -9.19
C ALA B 104 30.37 -2.07 -8.06
N TYR B 105 31.67 -2.33 -8.34
CA TYR B 105 32.66 -2.22 -7.28
C TYR B 105 32.79 -0.80 -6.78
N GLN B 106 32.61 0.18 -7.67
CA GLN B 106 32.79 1.58 -7.29
C GLN B 106 31.58 2.14 -6.54
N TYR B 107 30.36 1.77 -6.95
CA TYR B 107 29.16 2.47 -6.48
C TYR B 107 28.25 1.64 -5.58
N VAL B 108 28.30 0.32 -5.63
CA VAL B 108 27.52 -0.48 -4.68
C VAL B 108 28.14 -0.31 -3.30
N LYS B 109 27.29 -0.05 -2.30
CA LYS B 109 27.72 0.15 -0.93
C LYS B 109 26.81 -0.63 0.00
N LYS B 110 27.33 -0.92 1.20
CA LYS B 110 26.49 -1.46 2.27
C LYS B 110 25.28 -0.58 2.46
N GLY B 111 24.09 -1.20 2.51
CA GLY B 111 22.86 -0.46 2.69
C GLY B 111 22.23 0.06 1.41
N SER B 112 22.94 0.05 0.29
CA SER B 112 22.39 0.54 -0.97
C SER B 112 21.16 -0.24 -1.39
N ARG B 113 20.16 0.46 -1.92
CA ARG B 113 19.03 -0.18 -2.57
C ARG B 113 19.31 -0.26 -4.06
N ILE B 114 19.13 -1.44 -4.65
CA ILE B 114 19.40 -1.63 -6.06
C ILE B 114 18.37 -2.57 -6.67
N TYR B 115 18.18 -2.41 -7.97
CA TYR B 115 17.46 -3.35 -8.80
C TYR B 115 18.49 -4.02 -9.67
N LEU B 116 18.35 -5.32 -9.88
CA LEU B 116 19.25 -6.00 -10.79
C LEU B 116 18.54 -7.13 -11.52
N GLU B 117 19.12 -7.49 -12.66
CA GLU B 117 18.68 -8.59 -13.50
C GLU B 117 19.87 -9.50 -13.77
N GLY B 118 19.61 -10.79 -13.88
CA GLY B 118 20.67 -11.74 -14.16
C GLY B 118 20.13 -13.13 -14.41
N LYS B 119 21.00 -14.12 -14.21
CA LYS B 119 20.66 -15.54 -14.34
C LYS B 119 21.11 -16.29 -13.10
N ILE B 120 20.46 -17.42 -12.84
CA ILE B 120 20.81 -18.30 -11.72
C ILE B 120 21.93 -19.23 -12.16
N ASP B 121 22.95 -19.35 -11.32
CA ASP B 121 24.05 -20.29 -11.51
C ASP B 121 24.24 -21.10 -10.24
N TYR B 122 24.23 -22.43 -10.39
CA TYR B 122 24.42 -23.34 -9.26
C TYR B 122 25.90 -23.72 -9.29
N GLY B 123 26.69 -22.94 -8.55
CA GLY B 123 28.12 -23.05 -8.61
C GLY B 123 28.65 -24.12 -7.68
N GLU B 124 29.96 -24.30 -7.73
CA GLU B 124 30.64 -25.39 -7.08
C GLU B 124 31.95 -24.87 -6.51
N TYR B 125 32.33 -25.44 -5.36
CA TYR B 125 33.59 -25.10 -4.72
C TYR B 125 33.97 -26.26 -3.83
N MET B 126 35.27 -26.35 -3.54
CA MET B 126 35.78 -27.33 -2.60
C MET B 126 35.88 -26.69 -1.22
N ASP B 127 35.35 -27.37 -0.21
CA ASP B 127 35.47 -26.86 1.15
C ASP B 127 36.86 -27.20 1.70
N LYS B 128 37.09 -26.87 2.97
CA LYS B 128 38.41 -27.09 3.57
C LYS B 128 38.81 -28.56 3.55
N ASN B 129 37.84 -29.47 3.64
CA ASN B 129 38.13 -30.91 3.54
C ASN B 129 38.18 -31.40 2.10
N ASN B 130 38.19 -30.50 1.12
CA ASN B 130 38.28 -30.85 -0.29
C ASN B 130 37.09 -31.71 -0.71
N VAL B 131 35.92 -31.38 -0.19
CA VAL B 131 34.66 -32.01 -0.59
C VAL B 131 33.94 -31.06 -1.54
N ARG B 132 33.47 -31.62 -2.65
CA ARG B 132 32.72 -30.91 -3.67
C ARG B 132 31.43 -30.35 -3.08
N ARG B 133 31.32 -29.01 -3.00
CA ARG B 133 30.17 -28.34 -2.42
C ARG B 133 29.37 -27.59 -3.49
N GLN B 134 28.21 -27.09 -3.07
CA GLN B 134 27.26 -26.40 -3.94
C GLN B 134 26.99 -25.00 -3.41
N ALA B 135 27.01 -24.02 -4.32
CA ALA B 135 26.69 -22.64 -3.97
C ALA B 135 25.93 -22.01 -5.13
N THR B 136 24.92 -21.23 -4.79
CA THR B 136 24.09 -20.54 -5.78
C THR B 136 24.48 -19.08 -5.82
N THR B 137 24.60 -18.56 -7.04
CA THR B 137 24.86 -17.14 -7.22
C THR B 137 24.00 -16.62 -8.35
N ILE B 138 23.65 -15.35 -8.26
CA ILE B 138 22.97 -14.62 -9.32
C ILE B 138 24.03 -13.83 -10.08
N ILE B 139 24.21 -14.17 -11.35
CA ILE B 139 25.18 -13.49 -12.21
C ILE B 139 24.45 -12.32 -12.84
N ALA B 140 24.76 -11.11 -12.38
CA ALA B 140 24.02 -9.92 -12.78
C ALA B 140 24.58 -9.32 -14.05
N ASP B 141 23.68 -8.96 -14.98
CA ASP B 141 24.06 -8.26 -16.20
C ASP B 141 23.42 -6.88 -16.34
N ASN B 142 22.62 -6.44 -15.37
CA ASN B 142 22.11 -5.08 -15.34
C ASN B 142 21.89 -4.70 -13.89
N ILE B 143 22.32 -3.49 -13.52
CA ILE B 143 22.13 -2.96 -12.18
C ILE B 143 21.60 -1.53 -12.30
N ILE B 144 20.56 -1.22 -11.55
CA ILE B 144 20.02 0.13 -11.45
C ILE B 144 20.11 0.56 -9.99
N PHE B 145 20.75 1.70 -9.75
CA PHE B 145 20.88 2.23 -8.40
C PHE B 145 19.65 3.05 -8.03
N LEU B 146 19.16 2.83 -6.80
CA LEU B 146 17.86 3.34 -6.36
C LEU B 146 17.92 4.29 -5.17
N SER B 147 19.08 4.45 -4.53
CA SER B 147 19.22 5.38 -3.43
C SER B 147 20.42 6.30 -3.69
N ASP B 148 20.51 7.36 -2.91
CA ASP B 148 21.50 8.41 -3.12
C ASP B 148 22.91 7.91 -2.77
N LEU D 32 -25.14 29.84 27.54
CA LEU D 32 -26.57 29.66 27.34
C LEU D 32 -26.91 29.71 25.85
N GLU D 33 -26.16 30.52 25.11
CA GLU D 33 -26.38 30.64 23.67
C GLU D 33 -26.04 29.33 22.99
N ARG D 34 -26.90 28.92 22.04
CA ARG D 34 -26.80 27.63 21.40
C ARG D 34 -26.13 27.73 20.03
N SER D 35 -25.56 26.60 19.61
CA SER D 35 -24.82 26.42 18.37
C SER D 35 -25.46 25.29 17.60
N LEU D 36 -24.99 25.13 16.36
CA LEU D 36 -25.43 24.06 15.47
C LEU D 36 -24.21 23.44 14.81
N ASN D 37 -24.18 22.11 14.76
CA ASN D 37 -23.09 21.36 14.12
C ASN D 37 -23.76 20.09 13.54
N ARG D 38 -24.17 20.19 12.28
CA ARG D 38 -24.92 19.11 11.65
C ARG D 38 -24.35 18.87 10.25
N VAL D 39 -24.31 17.59 9.86
CA VAL D 39 -23.89 17.19 8.53
C VAL D 39 -24.83 16.10 8.05
N HIS D 40 -25.12 16.09 6.75
CA HIS D 40 -25.91 15.06 6.09
CA HIS D 40 -25.82 14.98 6.15
C HIS D 40 -25.08 14.52 4.92
N LEU D 41 -24.97 13.21 4.81
CA LEU D 41 -24.19 12.56 3.77
C LEU D 41 -25.05 11.52 3.07
N LEU D 42 -24.83 11.38 1.78
CA LEU D 42 -25.44 10.31 0.99
C LEU D 42 -24.36 9.78 0.06
N GLY D 43 -24.02 8.51 0.21
CA GLY D 43 -22.89 7.96 -0.53
C GLY D 43 -22.79 6.46 -0.38
N ARG D 44 -21.59 5.93 -0.64
CA ARG D 44 -21.35 4.50 -0.76
C ARG D 44 -20.33 4.08 0.28
N VAL D 45 -20.58 2.95 0.91
CA VAL D 45 -19.73 2.46 1.98
C VAL D 45 -18.50 1.78 1.39
N GLY D 46 -17.33 2.05 1.96
CA GLY D 46 -16.08 1.60 1.39
C GLY D 46 -15.62 0.24 1.86
N GLN D 47 -15.99 -0.14 3.09
CA GLN D 47 -15.59 -1.42 3.66
C GLN D 47 -16.61 -1.85 4.70
N ASP D 48 -16.61 -3.14 5.01
CA ASP D 48 -17.47 -3.64 6.07
C ASP D 48 -17.19 -2.92 7.38
N PRO D 49 -18.20 -2.65 8.21
CA PRO D 49 -17.94 -1.93 9.47
C PRO D 49 -17.22 -2.80 10.48
N VAL D 50 -16.57 -2.13 11.42
CA VAL D 50 -15.88 -2.77 12.55
C VAL D 50 -16.50 -2.27 13.84
N LEU D 51 -16.61 -3.16 14.83
CA LEU D 51 -17.07 -2.79 16.18
C LEU D 51 -15.83 -2.68 17.06
N ARG D 52 -15.41 -1.44 17.32
CA ARG D 52 -14.22 -1.17 18.10
C ARG D 52 -14.58 -1.10 19.58
N GLN D 53 -13.92 -1.92 20.39
CA GLN D 53 -14.17 -2.01 21.82
C GLN D 53 -12.84 -1.85 22.54
N VAL D 54 -12.71 -0.77 23.32
CA VAL D 54 -11.47 -0.39 23.95
C VAL D 54 -11.70 -0.31 25.46
N GLU D 55 -10.79 -0.88 26.24
CA GLU D 55 -10.87 -0.87 27.69
C GLU D 55 -11.04 0.55 28.21
N GLY D 56 -12.08 0.76 29.00
CA GLY D 56 -12.43 2.08 29.49
C GLY D 56 -13.35 2.87 28.61
N LYS D 57 -13.59 2.43 27.37
CA LYS D 57 -14.34 3.18 26.38
C LYS D 57 -15.68 2.51 26.07
N ASN D 58 -16.60 3.33 25.57
CA ASN D 58 -17.83 2.80 25.02
C ASN D 58 -17.55 2.12 23.67
N PRO D 59 -18.30 1.08 23.31
CA PRO D 59 -18.09 0.52 21.97
C PRO D 59 -18.58 1.48 20.91
N VAL D 60 -18.02 1.33 19.71
CA VAL D 60 -18.33 2.22 18.60
C VAL D 60 -18.21 1.43 17.32
N THR D 61 -19.18 1.60 16.43
CA THR D 61 -19.13 1.03 15.09
C THR D 61 -18.51 2.06 14.15
N ILE D 62 -17.53 1.63 13.37
CA ILE D 62 -16.76 2.48 12.49
C ILE D 62 -16.90 1.97 11.07
N PHE D 63 -17.08 2.90 10.13
CA PHE D 63 -16.97 2.55 8.72
C PHE D 63 -16.65 3.83 7.93
N SER D 64 -16.28 3.63 6.67
CA SER D 64 -15.91 4.69 5.75
C SER D 64 -17.02 4.86 4.73
N LEU D 65 -17.29 6.11 4.35
CA LEU D 65 -18.31 6.45 3.36
C LEU D 65 -17.70 7.38 2.31
N ALA D 66 -17.93 7.04 1.05
CA ALA D 66 -17.50 7.89 -0.07
C ALA D 66 -18.67 8.70 -0.59
N THR D 67 -18.48 10.01 -0.72
CA THR D 67 -19.39 10.84 -1.49
C THR D 67 -18.67 11.21 -2.78
N ASN D 68 -19.22 10.74 -3.89
CA ASN D 68 -18.60 10.81 -5.20
C ASN D 68 -19.24 11.94 -6.00
N GLU D 69 -18.41 12.66 -6.75
CA GLU D 69 -18.87 13.61 -7.75
C GLU D 69 -18.28 13.18 -9.08
N MET D 70 -19.13 12.98 -10.09
CA MET D 70 -18.71 12.69 -11.45
C MET D 70 -19.02 13.89 -12.33
N TRP D 71 -18.04 14.33 -13.12
CA TRP D 71 -18.14 15.52 -13.96
C TRP D 71 -17.74 15.17 -15.38
N ARG D 72 -18.42 15.75 -16.37
CA ARG D 72 -18.05 15.61 -17.77
C ARG D 72 -17.46 16.91 -18.28
N SER D 73 -16.46 16.80 -19.17
CA SER D 73 -15.84 17.96 -19.78
C SER D 73 -16.86 18.76 -20.60
N ASP D 83 -12.52 12.29 -20.10
CA ASP D 83 -13.73 13.00 -20.47
C ASP D 83 -14.72 13.07 -19.29
N VAL D 84 -14.88 11.98 -18.55
CA VAL D 84 -15.59 11.99 -17.27
C VAL D 84 -14.55 11.89 -16.15
N SER D 85 -14.56 12.89 -15.26
CA SER D 85 -13.68 12.95 -14.10
C SER D 85 -14.46 12.57 -12.85
N GLN D 86 -13.72 12.17 -11.81
CA GLN D 86 -14.30 11.79 -10.53
C GLN D 86 -13.55 12.50 -9.41
N LYS D 87 -14.31 12.96 -8.42
CA LYS D 87 -13.77 13.47 -7.16
C LYS D 87 -14.47 12.71 -6.05
N THR D 88 -13.69 12.07 -5.20
CA THR D 88 -14.21 11.21 -4.15
C THR D 88 -13.76 11.77 -2.82
N THR D 89 -14.71 12.05 -1.93
CA THR D 89 -14.44 12.48 -0.58
C THR D 89 -14.75 11.32 0.37
N TRP D 90 -13.75 10.92 1.15
CA TRP D 90 -13.85 9.76 2.03
C TRP D 90 -14.08 10.22 3.47
N HIS D 91 -15.22 9.83 4.03
CA HIS D 91 -15.61 10.21 5.39
C HIS D 91 -15.44 9.04 6.35
N ARG D 92 -14.98 9.31 7.56
CA ARG D 92 -14.92 8.32 8.63
C ARG D 92 -16.15 8.46 9.52
N ILE D 93 -16.99 7.43 9.54
CA ILE D 93 -18.26 7.43 10.28
C ILE D 93 -18.08 6.65 11.57
N SER D 94 -18.47 7.26 12.69
CA SER D 94 -18.54 6.61 13.99
C SER D 94 -19.99 6.56 14.45
N VAL D 95 -20.42 5.42 14.99
CA VAL D 95 -21.75 5.27 15.55
C VAL D 95 -21.56 4.82 16.99
N PHE D 96 -21.84 5.72 17.93
CA PHE D 96 -21.78 5.47 19.37
C PHE D 96 -23.13 5.14 19.97
N ARG D 97 -24.21 5.67 19.38
CA ARG D 97 -25.51 5.55 20.01
C ARG D 97 -25.90 4.08 20.13
N PRO D 98 -26.31 3.61 21.31
CA PRO D 98 -26.74 2.21 21.41
C PRO D 98 -27.94 1.97 20.51
N GLY D 99 -28.02 0.77 19.98
CA GLY D 99 -29.11 0.42 19.10
C GLY D 99 -28.71 0.71 17.66
N LEU D 100 -28.49 1.99 17.34
CA LEU D 100 -28.03 2.31 16.00
C LEU D 100 -26.64 1.75 15.75
N ARG D 101 -25.79 1.74 16.78
CA ARG D 101 -24.47 1.12 16.66
C ARG D 101 -24.60 -0.34 16.23
N ASP D 102 -25.56 -1.06 16.81
CA ASP D 102 -25.69 -2.48 16.50
C ASP D 102 -26.37 -2.70 15.14
N VAL D 103 -27.36 -1.87 14.82
CA VAL D 103 -27.95 -1.90 13.48
C VAL D 103 -26.89 -1.64 12.42
N ALA D 104 -26.05 -0.63 12.65
CA ALA D 104 -25.01 -0.32 11.65
C ALA D 104 -24.03 -1.47 11.50
N TYR D 105 -23.63 -2.08 12.61
CA TYR D 105 -22.66 -3.18 12.50
C TYR D 105 -23.26 -4.38 11.78
N GLN D 106 -24.57 -4.60 11.95
CA GLN D 106 -25.21 -5.76 11.33
C GLN D 106 -25.54 -5.54 9.85
N TYR D 107 -25.93 -4.33 9.46
CA TYR D 107 -26.51 -4.11 8.13
C TYR D 107 -25.69 -3.24 7.19
N VAL D 108 -24.79 -2.39 7.70
CA VAL D 108 -23.91 -1.66 6.79
C VAL D 108 -22.93 -2.63 6.17
N LYS D 109 -22.79 -2.57 4.84
CA LYS D 109 -21.90 -3.45 4.10
C LYS D 109 -21.10 -2.66 3.07
N LYS D 110 -19.90 -3.17 2.76
CA LYS D 110 -19.10 -2.65 1.66
C LYS D 110 -19.95 -2.52 0.40
N GLY D 111 -19.93 -1.33 -0.19
CA GLY D 111 -20.69 -1.07 -1.40
C GLY D 111 -22.10 -0.56 -1.17
N SER D 112 -22.60 -0.63 0.07
CA SER D 112 -23.96 -0.19 0.35
C SER D 112 -24.11 1.30 0.12
N ARG D 113 -25.27 1.70 -0.39
CA ARG D 113 -25.63 3.11 -0.50
C ARG D 113 -26.42 3.51 0.74
N ILE D 114 -26.00 4.58 1.41
CA ILE D 114 -26.72 5.01 2.59
C ILE D 114 -26.79 6.53 2.66
N TYR D 115 -27.84 7.00 3.33
CA TYR D 115 -28.00 8.37 3.77
C TYR D 115 -27.77 8.39 5.28
N LEU D 116 -27.04 9.39 5.78
CA LEU D 116 -26.88 9.52 7.21
C LEU D 116 -26.82 10.98 7.61
N GLU D 117 -27.10 11.22 8.89
CA GLU D 117 -27.03 12.52 9.52
C GLU D 117 -26.21 12.40 10.80
N GLY D 118 -25.52 13.48 11.15
CA GLY D 118 -24.74 13.48 12.37
C GLY D 118 -24.08 14.81 12.64
N LYS D 119 -22.96 14.78 13.37
CA LYS D 119 -22.19 15.97 13.71
C LYS D 119 -20.72 15.70 13.42
N ILE D 120 -19.96 16.77 13.26
CA ILE D 120 -18.54 16.67 12.95
C ILE D 120 -17.77 16.72 14.25
N ASP D 121 -16.80 15.82 14.40
CA ASP D 121 -15.94 15.77 15.57
C ASP D 121 -14.49 15.69 15.10
N TYR D 122 -13.66 16.59 15.62
CA TYR D 122 -12.24 16.63 15.29
C TYR D 122 -11.53 15.91 16.44
N GLY D 123 -11.35 14.60 16.28
CA GLY D 123 -10.88 13.78 17.37
C GLY D 123 -9.37 13.78 17.48
N GLU D 124 -8.90 13.55 18.70
CA GLU D 124 -7.50 13.59 19.02
C GLU D 124 -7.02 12.16 19.29
N TYR D 125 -5.82 11.86 18.83
CA TYR D 125 -5.15 10.63 19.18
C TYR D 125 -3.66 10.94 19.24
N MET D 126 -2.89 9.96 19.71
CA MET D 126 -1.44 10.09 19.85
C MET D 126 -0.78 9.00 19.01
N ASP D 127 0.14 9.40 18.13
CA ASP D 127 0.88 8.41 17.36
C ASP D 127 1.92 7.73 18.25
N LYS D 128 2.74 6.86 17.64
CA LYS D 128 3.76 6.14 18.40
C LYS D 128 4.74 7.10 19.06
N ASN D 129 5.06 8.21 18.40
CA ASN D 129 6.01 9.19 18.91
C ASN D 129 5.42 10.17 19.91
N ASN D 130 4.19 9.94 20.39
CA ASN D 130 3.54 10.79 21.39
C ASN D 130 3.26 12.20 20.86
N VAL D 131 3.02 12.30 19.56
CA VAL D 131 2.59 13.55 18.95
C VAL D 131 1.07 13.56 18.90
N ARG D 132 0.47 14.67 19.33
CA ARG D 132 -0.98 14.82 19.21
C ARG D 132 -1.35 14.97 17.74
N ARG D 133 -2.29 14.16 17.30
CA ARG D 133 -2.77 14.16 15.93
C ARG D 133 -4.27 14.38 15.94
N GLN D 134 -4.77 14.81 14.77
CA GLN D 134 -6.20 15.04 14.54
C GLN D 134 -6.73 14.01 13.57
N ALA D 135 -7.91 13.49 13.87
CA ALA D 135 -8.65 12.61 12.97
C ALA D 135 -10.11 13.03 13.01
N THR D 136 -10.65 13.40 11.85
CA THR D 136 -12.03 13.85 11.78
C THR D 136 -12.96 12.65 11.63
N THR D 137 -14.06 12.66 12.38
CA THR D 137 -15.11 11.66 12.19
C THR D 137 -16.47 12.35 12.18
N ILE D 138 -17.40 11.73 11.46
CA ILE D 138 -18.81 12.09 11.51
C ILE D 138 -19.48 11.14 12.48
N ILE D 139 -20.03 11.68 13.56
CA ILE D 139 -20.71 10.87 14.56
C ILE D 139 -22.17 10.83 14.13
N ALA D 140 -22.60 9.67 13.61
CA ALA D 140 -23.93 9.54 13.02
C ALA D 140 -24.98 9.25 14.08
N ASP D 141 -26.12 9.92 13.97
CA ASP D 141 -27.28 9.63 14.82
C ASP D 141 -28.51 9.19 14.03
N ASN D 142 -28.42 9.09 12.71
CA ASN D 142 -29.50 8.54 11.90
C ASN D 142 -28.89 7.94 10.65
N ILE D 143 -29.33 6.73 10.30
CA ILE D 143 -28.88 6.04 9.10
C ILE D 143 -30.10 5.48 8.39
N ILE D 144 -30.19 5.74 7.08
CA ILE D 144 -31.24 5.20 6.22
C ILE D 144 -30.57 4.36 5.14
N PHE D 145 -30.99 3.11 5.01
CA PHE D 145 -30.43 2.20 4.01
C PHE D 145 -31.14 2.38 2.69
N LEU D 146 -30.35 2.46 1.61
CA LEU D 146 -30.85 2.82 0.29
C LEU D 146 -30.68 1.71 -0.74
N SER D 147 -29.95 0.65 -0.43
CA SER D 147 -29.73 -0.46 -1.36
C SER D 147 -29.68 -1.80 -0.62
N THR E 28 -18.92 22.04 -17.26
CA THR E 28 -18.86 20.84 -16.44
C THR E 28 -20.09 20.71 -15.55
N SER E 29 -20.85 19.62 -15.73
CA SER E 29 -22.06 19.36 -14.96
C SER E 29 -22.01 17.93 -14.39
N LEU E 30 -22.69 17.75 -13.27
CA LEU E 30 -22.73 16.45 -12.60
C LEU E 30 -23.44 15.40 -13.45
N VAL E 31 -22.94 14.17 -13.40
CA VAL E 31 -23.52 13.03 -14.10
C VAL E 31 -23.47 11.80 -13.22
N LEU E 32 -24.20 10.76 -13.64
CA LEU E 32 -24.20 9.45 -13.01
C LEU E 32 -24.72 9.53 -11.57
N GLU E 33 -24.46 8.50 -10.76
CA GLU E 33 -25.04 8.43 -9.42
C GLU E 33 -24.65 9.65 -8.60
N ARG E 34 -25.63 10.17 -7.87
CA ARG E 34 -25.44 11.39 -7.11
C ARG E 34 -25.18 11.09 -5.64
N SER E 35 -24.36 11.96 -5.03
CA SER E 35 -24.02 11.92 -3.61
CA SER E 35 -24.06 11.91 -3.60
C SER E 35 -24.44 13.24 -2.96
N LEU E 36 -24.41 13.24 -1.63
CA LEU E 36 -24.71 14.43 -0.85
C LEU E 36 -23.60 14.63 0.18
N ASN E 37 -23.13 15.87 0.30
CA ASN E 37 -22.09 16.23 1.27
C ASN E 37 -22.41 17.67 1.71
N ARG E 38 -23.20 17.81 2.78
CA ARG E 38 -23.66 19.13 3.22
C ARG E 38 -23.51 19.30 4.71
N VAL E 39 -22.98 20.45 5.11
CA VAL E 39 -22.76 20.83 6.49
C VAL E 39 -23.56 22.09 6.77
N HIS E 40 -24.17 22.16 7.95
CA HIS E 40 -24.82 23.37 8.45
C HIS E 40 -24.20 23.68 9.81
N LEU E 41 -23.68 24.90 9.97
CA LEU E 41 -23.08 25.32 11.22
C LEU E 41 -23.69 26.64 11.65
N LEU E 42 -23.74 26.85 12.96
CA LEU E 42 -24.12 28.13 13.53
C LEU E 42 -23.28 28.32 14.78
N GLY E 43 -22.51 29.41 14.81
CA GLY E 43 -21.58 29.62 15.90
C GLY E 43 -20.90 30.96 15.79
N ARG E 44 -19.80 31.09 16.54
CA ARG E 44 -19.07 32.35 16.71
C ARG E 44 -17.73 32.30 16.02
N VAL E 45 -17.37 33.37 15.35
CA VAL E 45 -16.11 33.45 14.62
C VAL E 45 -14.99 33.75 15.60
N GLY E 46 -13.85 33.10 15.41
CA GLY E 46 -12.75 33.16 16.37
C GLY E 46 -11.81 34.34 16.22
N GLN E 47 -11.38 34.63 14.99
CA GLN E 47 -10.53 35.77 14.68
C GLN E 47 -11.04 36.43 13.40
N ASP E 48 -10.49 37.59 13.07
CA ASP E 48 -10.83 38.22 11.80
C ASP E 48 -10.43 37.29 10.65
N PRO E 49 -11.22 37.18 9.59
CA PRO E 49 -10.81 36.34 8.45
C PRO E 49 -9.52 36.85 7.82
N VAL E 50 -8.83 35.94 7.14
CA VAL E 50 -7.59 36.25 6.45
C VAL E 50 -7.70 35.79 5.00
N LEU E 51 -6.88 36.40 4.14
CA LEU E 51 -6.79 36.07 2.73
C LEU E 51 -5.57 35.19 2.49
N ARG E 52 -5.78 34.06 1.81
CA ARG E 52 -4.70 33.21 1.36
C ARG E 52 -4.72 33.19 -0.17
N ASN E 58 -5.98 30.85 -7.11
CA ASN E 58 -7.24 30.53 -6.44
C ASN E 58 -7.29 31.15 -5.05
N PRO E 59 -7.55 32.46 -4.97
CA PRO E 59 -7.62 33.11 -3.66
C PRO E 59 -8.76 32.54 -2.82
N VAL E 60 -8.59 32.60 -1.50
CA VAL E 60 -9.52 31.97 -0.56
C VAL E 60 -9.52 32.77 0.73
N THR E 61 -10.72 32.96 1.27
CA THR E 61 -10.91 33.61 2.55
C THR E 61 -11.10 32.54 3.61
N ILE E 62 -10.36 32.64 4.71
CA ILE E 62 -10.32 31.60 5.74
C ILE E 62 -10.63 32.22 7.09
N PHE E 63 -11.39 31.50 7.91
CA PHE E 63 -11.64 31.91 9.28
C PHE E 63 -12.08 30.68 10.07
N SER E 64 -12.17 30.84 11.39
CA SER E 64 -12.51 29.75 12.28
C SER E 64 -13.86 30.04 12.92
N LEU E 65 -14.62 28.96 13.19
CA LEU E 65 -15.96 29.06 13.77
C LEU E 65 -16.09 28.05 14.89
N ALA E 66 -16.56 28.50 16.05
CA ALA E 66 -16.73 27.66 17.23
C ALA E 66 -18.19 27.26 17.36
N THR E 67 -18.44 25.97 17.51
CA THR E 67 -19.74 25.46 17.89
C THR E 67 -19.59 24.73 19.22
N ASN E 68 -20.54 24.94 20.13
CA ASN E 68 -20.45 24.46 21.50
C ASN E 68 -21.56 23.45 21.80
N GLU E 69 -21.23 22.48 22.64
CA GLU E 69 -22.19 21.55 23.23
C GLU E 69 -22.09 21.64 24.74
N MET E 70 -23.23 21.57 25.42
CA MET E 70 -23.28 21.52 26.87
C MET E 70 -23.13 20.09 27.36
N TRP E 71 -22.36 19.92 28.43
CA TRP E 71 -22.14 18.62 29.05
C TRP E 71 -22.19 18.76 30.55
N ARG E 72 -22.64 17.69 31.22
CA ARG E 72 -22.66 17.62 32.68
C ARG E 72 -21.70 16.55 33.18
N ASP E 83 -19.92 20.70 37.55
CA ASP E 83 -21.16 21.38 37.16
C ASP E 83 -21.27 21.42 35.63
N VAL E 84 -22.07 22.36 35.09
CA VAL E 84 -22.32 22.41 33.66
C VAL E 84 -21.08 22.94 32.94
N SER E 85 -20.59 22.18 31.96
CA SER E 85 -19.38 22.49 31.22
C SER E 85 -19.67 22.54 29.72
N GLN E 86 -18.73 23.10 28.97
CA GLN E 86 -18.84 23.27 27.53
C GLN E 86 -17.76 22.46 26.82
N LYS E 87 -18.13 21.88 25.68
CA LYS E 87 -17.17 21.34 24.72
C LYS E 87 -17.24 22.21 23.47
N THR E 88 -16.13 22.85 23.13
CA THR E 88 -16.03 23.69 21.95
C THR E 88 -15.40 22.89 20.82
N THR E 89 -16.05 22.90 19.66
CA THR E 89 -15.53 22.34 18.44
C THR E 89 -15.15 23.48 17.52
N TRP E 90 -13.90 23.50 17.07
CA TRP E 90 -13.39 24.56 16.20
C TRP E 90 -13.33 24.06 14.77
N HIS E 91 -14.01 24.77 13.87
CA HIS E 91 -14.10 24.43 12.46
C HIS E 91 -13.27 25.40 11.63
N ARG E 92 -12.50 24.88 10.69
CA ARG E 92 -11.76 25.70 9.73
C ARG E 92 -12.65 25.96 8.54
N ILE E 93 -13.03 27.22 8.33
CA ILE E 93 -13.93 27.62 7.25
C ILE E 93 -13.08 28.18 6.12
N SER E 94 -13.30 27.69 4.89
CA SER E 94 -12.70 28.23 3.68
C SER E 94 -13.81 28.72 2.75
N VAL E 95 -13.60 29.87 2.13
CA VAL E 95 -14.52 30.43 1.15
C VAL E 95 -13.72 30.61 -0.12
N PHE E 96 -13.88 29.69 -1.07
CA PHE E 96 -13.22 29.76 -2.37
C PHE E 96 -14.07 30.50 -3.40
N ARG E 97 -15.38 30.51 -3.22
CA ARG E 97 -16.29 30.96 -4.27
C ARG E 97 -16.10 32.45 -4.56
N PRO E 98 -15.95 32.86 -5.83
CA PRO E 98 -15.83 34.30 -6.10
C PRO E 98 -17.07 35.05 -5.63
N GLY E 99 -16.84 36.28 -5.20
CA GLY E 99 -17.90 37.10 -4.66
C GLY E 99 -18.09 36.82 -3.19
N LEU E 100 -18.57 35.62 -2.85
CA LEU E 100 -18.76 35.29 -1.44
C LEU E 100 -17.46 35.38 -0.66
N ARG E 101 -16.31 35.06 -1.29
CA ARG E 101 -15.04 35.17 -0.57
C ARG E 101 -14.78 36.61 -0.15
N ASP E 102 -15.18 37.57 -0.98
CA ASP E 102 -15.03 38.98 -0.64
C ASP E 102 -16.07 39.42 0.39
N VAL E 103 -17.30 38.93 0.28
CA VAL E 103 -18.31 39.19 1.31
C VAL E 103 -17.79 38.74 2.68
N ALA E 104 -17.26 37.52 2.73
CA ALA E 104 -16.76 36.99 3.99
C ALA E 104 -15.63 37.84 4.55
N TYR E 105 -14.65 38.17 3.69
CA TYR E 105 -13.52 38.96 4.16
C TYR E 105 -13.95 40.34 4.63
N GLN E 106 -14.97 40.92 4.01
CA GLN E 106 -15.37 42.27 4.36
C GLN E 106 -16.24 42.31 5.61
N TYR E 107 -17.21 41.41 5.73
CA TYR E 107 -18.26 41.52 6.76
C TYR E 107 -18.14 40.54 7.91
N VAL E 108 -17.44 39.42 7.75
CA VAL E 108 -17.22 38.50 8.87
C VAL E 108 -16.09 39.05 9.73
N LYS E 109 -16.32 39.10 11.05
CA LYS E 109 -15.37 39.69 11.99
C LYS E 109 -15.22 38.77 13.20
N LYS E 110 -14.14 38.99 13.94
CA LYS E 110 -13.94 38.31 15.22
C LYS E 110 -15.18 38.48 16.10
N GLY E 111 -15.67 37.37 16.64
CA GLY E 111 -16.83 37.41 17.48
C GLY E 111 -18.16 37.51 16.75
N SER E 112 -18.15 37.54 15.41
CA SER E 112 -19.41 37.51 14.68
C SER E 112 -20.11 36.18 14.90
N ARG E 113 -21.43 36.23 15.01
CA ARG E 113 -22.28 35.04 15.04
C ARG E 113 -22.88 34.86 13.65
N ILE E 114 -22.69 33.67 13.07
CA ILE E 114 -23.15 33.39 11.73
C ILE E 114 -23.73 32.00 11.64
N TYR E 115 -24.62 31.83 10.67
CA TYR E 115 -25.05 30.54 10.15
C TYR E 115 -24.36 30.35 8.80
N LEU E 116 -23.87 29.14 8.55
CA LEU E 116 -23.29 28.88 7.24
C LEU E 116 -23.60 27.46 6.80
N GLU E 117 -23.55 27.29 5.48
CA GLU E 117 -23.69 26.00 4.84
C GLU E 117 -22.53 25.77 3.89
N GLY E 118 -22.20 24.50 3.69
CA GLY E 118 -21.11 24.16 2.80
C GLY E 118 -20.95 22.66 2.72
N LYS E 119 -19.74 22.23 2.36
CA LYS E 119 -19.38 20.82 2.21
C LYS E 119 -18.08 20.58 2.96
N ILE E 120 -17.86 19.33 3.38
CA ILE E 120 -16.61 18.95 4.06
C ILE E 120 -15.59 18.57 3.02
N ASP E 121 -14.35 19.02 3.25
CA ASP E 121 -13.19 18.65 2.45
C ASP E 121 -12.07 18.33 3.44
N TYR E 122 -11.47 17.16 3.31
CA TYR E 122 -10.52 16.72 4.35
C TYR E 122 -9.11 17.24 4.11
N GLY E 123 -8.86 17.87 2.97
CA GLY E 123 -7.59 18.54 2.73
C GLY E 123 -6.41 17.63 2.92
N GLU E 124 -6.52 16.39 2.44
CA GLU E 124 -5.48 15.41 2.68
C GLU E 124 -4.17 15.87 2.05
N TYR E 125 -3.06 15.54 2.70
CA TYR E 125 -1.74 15.82 2.15
C TYR E 125 -0.74 14.88 2.77
N MET E 126 0.49 14.93 2.24
CA MET E 126 1.61 14.12 2.71
C MET E 126 2.54 14.97 3.55
N ASP E 127 2.88 14.48 4.75
CA ASP E 127 3.80 15.21 5.62
C ASP E 127 5.24 14.88 5.21
N LYS E 128 6.20 15.20 6.08
CA LYS E 128 7.61 15.04 5.74
C LYS E 128 8.01 13.59 5.47
N ASN E 129 7.26 12.62 6.02
CA ASN E 129 7.64 11.21 5.97
C ASN E 129 6.69 10.37 5.13
N ASN E 130 6.00 10.99 4.16
CA ASN E 130 5.02 10.29 3.32
C ASN E 130 3.96 9.59 4.17
N VAL E 131 3.46 10.32 5.16
CA VAL E 131 2.33 9.87 5.98
C VAL E 131 1.15 10.80 5.71
N ARG E 132 -0.02 10.22 5.51
CA ARG E 132 -1.20 10.98 5.15
C ARG E 132 -1.75 11.74 6.35
N ARG E 133 -1.93 13.04 6.19
CA ARG E 133 -2.47 13.92 7.21
C ARG E 133 -3.72 14.61 6.68
N GLN E 134 -4.59 15.01 7.62
CA GLN E 134 -5.80 15.77 7.31
C GLN E 134 -5.61 17.24 7.67
N ALA E 135 -6.29 18.10 6.89
CA ALA E 135 -6.50 19.50 7.23
C ALA E 135 -7.96 19.80 6.87
N THR E 136 -8.87 19.30 7.70
CA THR E 136 -10.29 19.34 7.39
C THR E 136 -10.78 20.78 7.37
N THR E 137 -11.55 21.11 6.34
CA THR E 137 -12.13 22.43 6.19
C THR E 137 -13.55 22.30 5.70
N ILE E 138 -14.39 23.23 6.14
CA ILE E 138 -15.75 23.39 5.62
C ILE E 138 -15.69 24.46 4.55
N ILE E 139 -15.96 24.07 3.31
CA ILE E 139 -15.97 25.02 2.19
C ILE E 139 -17.37 25.59 2.12
N ALA E 140 -17.52 26.85 2.51
CA ALA E 140 -18.82 27.47 2.69
C ALA E 140 -19.32 28.06 1.38
N ASP E 141 -20.62 27.90 1.10
CA ASP E 141 -21.24 28.55 -0.05
C ASP E 141 -22.47 29.38 0.30
N ASN E 142 -22.80 29.53 1.59
CA ASN E 142 -23.94 30.32 2.00
C ASN E 142 -23.63 30.83 3.40
N ILE E 143 -23.79 32.13 3.62
CA ILE E 143 -23.51 32.73 4.93
C ILE E 143 -24.65 33.67 5.28
N ILE E 144 -25.20 33.51 6.49
CA ILE E 144 -26.23 34.40 7.01
C ILE E 144 -25.67 35.07 8.26
N PHE E 145 -25.59 36.39 8.23
CA PHE E 145 -25.12 37.15 9.37
C PHE E 145 -26.22 37.23 10.43
N LEU E 146 -25.84 37.04 11.69
CA LEU E 146 -26.79 37.07 12.80
C LEU E 146 -26.53 38.24 13.75
N SER E 147 -25.28 38.47 14.14
CA SER E 147 -24.90 39.61 14.96
C SER E 147 -23.39 39.61 15.09
N ASP E 148 -22.81 40.78 15.34
CA ASP E 148 -21.38 40.88 15.60
C ASP E 148 -21.14 41.76 16.82
N GLN E 149 -19.91 41.71 17.32
CA GLN E 149 -19.51 42.44 18.51
C GLN E 149 -19.04 43.84 18.15
#